data_6YGU
#
_entry.id   6YGU
#
_cell.length_a   44.979
_cell.length_b   88.906
_cell.length_c   168.367
_cell.angle_alpha   90.00
_cell.angle_beta   90.00
_cell.angle_gamma   90.00
#
_symmetry.space_group_name_H-M   'P 21 21 21'
#
loop_
_entity.id
_entity.type
_entity.pdbx_description
1 polymer 'ATP dependent RNA helicase (Dob1)-like protein'
2 polymer Red1
3 non-polymer 'ACETATE ION'
4 non-polymer 1,2-ETHANEDIOL
5 non-polymer 'ZINC ION'
6 water water
#
loop_
_entity_poly.entity_id
_entity_poly.type
_entity_poly.pdbx_seq_one_letter_code
_entity_poly.pdbx_strand_id
1 'polypeptide(L)'
;MDEALIKDYHSIREQIDQYTKDMVLVMQHPTNCVKYINPGRLMHVVTSDGTDFGWGVIINFYERRPERNNPNPGWSPQES
YVVEVLLRLSSDSGSVDSKLKDNQCIPAGIAPVTQKNDPGRWEVVPCLLSCMHGLSQIKLHVPDKKSGGSMDDPETRRRV
GKSLLEVQRRFEDGIPHMDPIENMHIRDVEFKKLLRKIEVLESRLVANPLHNSGGSGGS
;
A,C
2 'polypeptide(L)'
;ALSYSSPLRFFRNFRFHPEFTRLVAGGWRSLTYSSRIDPDKEMCPYELEGTQCPSGCSFQHFVDITPAADERILLELSGS
HHHHHH
;
B,D
#
# COMPACT_ATOMS: atom_id res chain seq x y z
N ASP A 2 -16.23 -3.90 30.73
CA ASP A 2 -16.26 -4.84 29.61
C ASP A 2 -17.49 -4.56 28.77
N GLU A 3 -18.17 -3.45 29.03
CA GLU A 3 -19.37 -3.13 28.27
C GLU A 3 -19.21 -1.89 27.40
N ALA A 4 -18.42 -0.90 27.83
CA ALA A 4 -17.96 0.13 26.91
C ALA A 4 -16.99 -0.48 25.89
N LEU A 5 -16.28 -1.54 26.26
CA LEU A 5 -15.32 -2.18 25.37
C LEU A 5 -16.00 -3.03 24.29
N ILE A 6 -17.20 -3.56 24.54
CA ILE A 6 -17.98 -4.16 23.48
C ILE A 6 -18.46 -3.09 22.50
N LYS A 7 -18.69 -1.88 23.01
CA LYS A 7 -19.11 -0.77 22.15
C LYS A 7 -18.02 -0.41 21.15
N ASP A 8 -16.77 -0.29 21.62
CA ASP A 8 -15.68 0.03 20.71
C ASP A 8 -15.52 -1.06 19.67
N TYR A 9 -15.71 -2.31 20.08
CA TYR A 9 -15.54 -3.42 19.16
C TYR A 9 -16.52 -3.32 17.99
N HIS A 10 -17.79 -3.12 18.31
CA HIS A 10 -18.82 -3.07 17.28
C HIS A 10 -18.76 -1.78 16.47
N SER A 11 -18.30 -0.69 17.07
CA SER A 11 -18.10 0.52 16.28
C SER A 11 -17.03 0.29 15.20
N ILE A 12 -15.96 -0.43 15.55
CA ILE A 12 -14.93 -0.76 14.57
C ILE A 12 -15.51 -1.66 13.48
N ARG A 13 -16.27 -2.71 13.88
CA ARG A 13 -16.86 -3.61 12.90
C ARG A 13 -17.83 -2.87 11.99
N GLU A 14 -18.54 -1.86 12.51
CA GLU A 14 -19.51 -1.17 11.67
C GLU A 14 -18.83 -0.19 10.72
N GLN A 15 -17.72 0.42 11.11
CA GLN A 15 -16.93 1.21 10.17
C GLN A 15 -16.38 0.34 9.04
N ILE A 16 -15.83 -0.82 9.39
CA ILE A 16 -15.31 -1.76 8.39
C ILE A 16 -16.42 -2.21 7.44
N ASP A 17 -17.60 -2.53 7.97
CA ASP A 17 -18.72 -2.94 7.13
C ASP A 17 -19.11 -1.87 6.14
N GLN A 18 -19.17 -0.61 6.59
CA GLN A 18 -19.57 0.45 5.67
C GLN A 18 -18.51 0.68 4.60
N TYR A 19 -17.23 0.73 4.98
CA TYR A 19 -16.19 0.92 3.98
C TYR A 19 -16.15 -0.25 3.00
N THR A 20 -16.43 -1.47 3.48
CA THR A 20 -16.47 -2.61 2.58
C THR A 20 -17.59 -2.44 1.56
N LYS A 21 -18.77 -1.99 2.01
CA LYS A 21 -19.84 -1.76 1.05
C LYS A 21 -19.43 -0.72 0.02
N ASP A 22 -18.78 0.37 0.45
CA ASP A 22 -18.29 1.37 -0.49
C ASP A 22 -17.28 0.77 -1.46
N MET A 23 -16.35 -0.06 -0.96
CA MET A 23 -15.35 -0.60 -1.87
C MET A 23 -16.01 -1.49 -2.91
N VAL A 24 -16.97 -2.30 -2.46
CA VAL A 24 -17.68 -3.21 -3.35
C VAL A 24 -18.43 -2.43 -4.43
N LEU A 25 -19.09 -1.33 -4.05
CA LEU A 25 -19.79 -0.55 -5.06
C LEU A 25 -18.84 -0.07 -6.13
N VAL A 26 -17.63 0.36 -5.74
CA VAL A 26 -16.72 0.86 -6.75
C VAL A 26 -16.35 -0.26 -7.70
N MET A 27 -16.08 -1.46 -7.15
CA MET A 27 -15.67 -2.58 -8.02
C MET A 27 -16.83 -3.07 -8.88
N GLN A 28 -18.05 -2.94 -8.40
CA GLN A 28 -19.20 -3.33 -9.19
C GLN A 28 -19.59 -2.26 -10.23
N HIS A 29 -19.05 -1.06 -10.14
CA HIS A 29 -19.49 -0.01 -11.07
C HIS A 29 -19.13 -0.37 -12.52
N PRO A 30 -20.09 -0.29 -13.44
CA PRO A 30 -19.83 -0.71 -14.84
C PRO A 30 -18.60 -0.04 -15.46
N THR A 31 -18.35 1.25 -15.17
CA THR A 31 -17.14 1.89 -15.68
C THR A 31 -15.90 1.12 -15.26
N ASN A 32 -15.91 0.49 -14.08
CA ASN A 32 -14.72 -0.21 -13.62
C ASN A 32 -14.72 -1.71 -14.00
N CYS A 33 -15.88 -2.34 -14.19
CA CYS A 33 -15.90 -3.81 -14.33
C CYS A 33 -16.41 -4.35 -15.67
N VAL A 34 -17.04 -3.51 -16.50
CA VAL A 34 -17.63 -4.01 -17.74
C VAL A 34 -16.60 -4.72 -18.59
N LYS A 35 -15.37 -4.19 -18.61
CA LYS A 35 -14.33 -4.73 -19.44
C LYS A 35 -13.94 -6.16 -19.02
N TYR A 36 -14.26 -6.54 -17.78
CA TYR A 36 -13.83 -7.83 -17.23
C TYR A 36 -14.98 -8.82 -17.10
N ILE A 37 -16.20 -8.46 -17.50
CA ILE A 37 -17.30 -9.42 -17.46
C ILE A 37 -17.23 -10.27 -18.70
N ASN A 38 -16.40 -11.31 -18.70
CA ASN A 38 -16.06 -11.98 -19.95
C ASN A 38 -16.57 -13.42 -19.92
N PRO A 39 -17.21 -13.90 -20.99
CA PRO A 39 -17.68 -15.29 -20.98
C PRO A 39 -16.56 -16.23 -20.56
N GLY A 40 -16.84 -17.08 -19.57
CA GLY A 40 -15.88 -18.05 -19.05
C GLY A 40 -15.20 -17.62 -17.76
N ARG A 41 -15.11 -16.31 -17.49
CA ARG A 41 -14.54 -15.85 -16.21
C ARG A 41 -15.46 -16.24 -15.06
N LEU A 42 -14.87 -16.59 -13.92
CA LEU A 42 -15.65 -16.97 -12.76
C LEU A 42 -16.10 -15.74 -11.99
N MET A 43 -17.30 -15.80 -11.43
CA MET A 43 -17.86 -14.74 -10.62
C MET A 43 -18.44 -15.34 -9.36
N HIS A 44 -18.14 -14.69 -8.23
CA HIS A 44 -18.70 -15.05 -6.95
C HIS A 44 -20.00 -14.25 -6.76
N VAL A 45 -21.13 -14.95 -6.71
CA VAL A 45 -22.44 -14.31 -6.63
C VAL A 45 -22.90 -14.37 -5.19
N VAL A 46 -23.16 -13.20 -4.60
CA VAL A 46 -23.76 -13.09 -3.27
C VAL A 46 -24.87 -12.05 -3.35
N THR A 47 -26.10 -12.43 -2.94
CA THR A 47 -27.26 -11.58 -3.22
C THR A 47 -27.43 -10.48 -2.19
N SER A 48 -28.46 -9.66 -2.41
CA SER A 48 -28.68 -8.49 -1.57
C SER A 48 -28.89 -8.91 -0.12
N ASP A 49 -29.54 -10.05 0.11
CA ASP A 49 -29.83 -10.49 1.47
C ASP A 49 -28.70 -11.29 2.11
N GLY A 50 -27.58 -11.53 1.40
CA GLY A 50 -26.46 -12.26 1.98
C GLY A 50 -26.37 -13.72 1.57
N THR A 51 -27.29 -14.20 0.74
CA THR A 51 -27.26 -15.58 0.27
C THR A 51 -26.04 -15.76 -0.64
N ASP A 52 -25.17 -16.71 -0.28
CA ASP A 52 -23.90 -16.96 -0.96
C ASP A 52 -24.08 -18.09 -1.95
N PHE A 53 -24.06 -17.78 -3.25
CA PHE A 53 -24.15 -18.80 -4.27
C PHE A 53 -22.81 -19.39 -4.67
N GLY A 54 -21.72 -18.93 -4.05
CA GLY A 54 -20.38 -19.38 -4.39
C GLY A 54 -19.96 -18.94 -5.78
N TRP A 55 -19.00 -19.68 -6.35
CA TRP A 55 -18.44 -19.35 -7.67
C TRP A 55 -19.34 -19.89 -8.78
N GLY A 56 -19.52 -19.07 -9.82
CA GLY A 56 -20.16 -19.50 -11.05
C GLY A 56 -19.34 -19.05 -12.25
N VAL A 57 -19.79 -19.46 -13.43
CA VAL A 57 -19.14 -19.15 -14.70
C VAL A 57 -19.98 -18.13 -15.46
N ILE A 58 -19.38 -17.00 -15.83
CA ILE A 58 -20.09 -16.00 -16.63
C ILE A 58 -20.36 -16.56 -18.02
N ILE A 59 -21.62 -16.51 -18.45
CA ILE A 59 -22.01 -16.95 -19.77
C ILE A 59 -22.33 -15.78 -20.69
N ASN A 60 -23.03 -14.76 -20.19
CA ASN A 60 -23.41 -13.64 -21.06
C ASN A 60 -23.65 -12.43 -20.17
N PHE A 61 -23.79 -11.27 -20.80
CA PHE A 61 -23.87 -10.01 -20.07
C PHE A 61 -24.73 -9.06 -20.90
N TYR A 62 -25.64 -8.31 -20.25
CA TYR A 62 -26.46 -7.40 -21.05
C TYR A 62 -26.99 -6.23 -20.23
N GLU A 63 -27.25 -5.13 -20.94
CA GLU A 63 -27.82 -3.95 -20.29
C GLU A 63 -29.28 -4.25 -19.95
N ARG A 64 -29.66 -4.05 -18.70
CA ARG A 64 -31.04 -4.32 -18.32
C ARG A 64 -31.94 -3.24 -18.93
N ARG A 65 -33.10 -3.67 -19.43
CA ARG A 65 -34.01 -2.73 -20.05
C ARG A 65 -35.22 -2.47 -19.17
N PRO A 66 -35.60 -1.21 -18.99
CA PRO A 66 -36.75 -0.92 -18.14
C PRO A 66 -38.01 -1.41 -18.82
N GLU A 67 -39.02 -1.64 -18.00
CA GLU A 67 -40.31 -2.01 -18.55
C GLU A 67 -40.96 -0.85 -19.31
N ARG A 68 -41.73 -1.29 -20.32
CA ARG A 68 -43.01 -0.66 -20.69
C ARG A 68 -43.52 0.36 -19.65
N ASN A 69 -44.22 -0.14 -18.62
CA ASN A 69 -44.65 0.47 -17.36
C ASN A 69 -43.77 1.57 -16.72
N ASN A 70 -42.48 1.28 -16.64
CA ASN A 70 -41.60 2.00 -15.73
C ASN A 70 -40.35 2.47 -16.45
N PRO A 71 -40.46 3.48 -17.31
CA PRO A 71 -39.29 3.91 -18.08
C PRO A 71 -38.11 4.37 -17.24
N ASN A 72 -38.35 4.92 -16.06
CA ASN A 72 -37.27 5.34 -15.17
C ASN A 72 -37.51 4.63 -13.84
N PRO A 73 -36.96 3.42 -13.69
CA PRO A 73 -37.17 2.65 -12.46
C PRO A 73 -36.26 3.05 -11.32
N GLY A 74 -35.23 3.84 -11.59
CA GLY A 74 -34.31 4.31 -10.58
C GLY A 74 -33.22 3.34 -10.23
N TRP A 75 -32.77 2.55 -11.20
CA TRP A 75 -31.70 1.61 -10.93
C TRP A 75 -30.38 2.33 -10.75
N SER A 76 -29.60 1.92 -9.75
CA SER A 76 -28.20 2.31 -9.67
C SER A 76 -27.44 1.82 -10.90
N PRO A 77 -26.23 2.30 -11.19
CA PRO A 77 -25.45 1.65 -12.28
C PRO A 77 -25.20 0.16 -12.02
N GLN A 78 -24.95 -0.23 -10.77
CA GLN A 78 -24.73 -1.64 -10.46
C GLN A 78 -25.98 -2.48 -10.69
N GLU A 79 -27.15 -1.84 -10.72
CA GLU A 79 -28.38 -2.54 -10.99
C GLU A 79 -28.80 -2.39 -12.45
N SER A 80 -27.97 -1.79 -13.31
CA SER A 80 -28.42 -1.54 -14.68
C SER A 80 -27.94 -2.60 -15.65
N TYR A 81 -27.27 -3.63 -15.17
CA TYR A 81 -26.71 -4.67 -16.04
C TYR A 81 -26.96 -6.02 -15.39
N VAL A 82 -27.20 -7.03 -16.23
CA VAL A 82 -27.53 -8.38 -15.82
C VAL A 82 -26.43 -9.30 -16.33
N VAL A 83 -25.87 -10.11 -15.43
CA VAL A 83 -24.90 -11.15 -15.76
C VAL A 83 -25.64 -12.47 -15.67
N GLU A 84 -25.59 -13.23 -16.75
CA GLU A 84 -26.09 -14.60 -16.76
C GLU A 84 -24.93 -15.47 -16.33
N VAL A 85 -25.09 -16.16 -15.20
CA VAL A 85 -24.03 -16.92 -14.57
C VAL A 85 -24.50 -18.37 -14.43
N LEU A 86 -23.63 -19.31 -14.77
CA LEU A 86 -23.91 -20.72 -14.49
C LEU A 86 -23.65 -20.95 -13.01
N LEU A 87 -24.70 -21.20 -12.22
CA LEU A 87 -24.55 -21.42 -10.79
C LEU A 87 -24.99 -22.83 -10.37
N ARG A 88 -24.54 -23.27 -9.21
CA ARG A 88 -24.99 -24.55 -8.67
C ARG A 88 -26.16 -24.32 -7.70
N LEU A 89 -27.36 -24.72 -8.11
CA LEU A 89 -28.56 -24.58 -7.29
C LEU A 89 -28.84 -25.87 -6.52
N SER A 90 -29.45 -25.70 -5.34
CA SER A 90 -30.00 -26.83 -4.61
C SER A 90 -30.96 -27.61 -5.49
N SER A 91 -31.05 -28.93 -5.25
CA SER A 91 -31.91 -29.76 -6.09
C SER A 91 -33.37 -29.35 -5.99
N ASP A 92 -33.81 -28.81 -4.87
CA ASP A 92 -35.20 -28.40 -4.75
C ASP A 92 -35.46 -26.99 -5.27
N SER A 93 -34.47 -26.29 -5.83
CA SER A 93 -34.75 -24.98 -6.41
C SER A 93 -35.73 -25.14 -7.58
N GLY A 94 -36.68 -24.23 -7.66
CA GLY A 94 -37.63 -24.28 -8.74
C GLY A 94 -37.00 -23.90 -10.07
N SER A 95 -37.82 -23.91 -11.11
CA SER A 95 -37.34 -23.52 -12.42
C SER A 95 -36.87 -22.07 -12.38
N VAL A 96 -35.88 -21.75 -13.21
CA VAL A 96 -35.25 -20.43 -13.21
C VAL A 96 -35.95 -19.52 -14.20
N ASP A 97 -36.48 -18.40 -13.69
CA ASP A 97 -37.11 -17.41 -14.56
C ASP A 97 -36.04 -16.54 -15.19
N SER A 98 -35.77 -16.75 -16.49
CA SER A 98 -34.81 -15.95 -17.25
C SER A 98 -35.02 -14.43 -17.14
N LYS A 99 -36.24 -13.95 -16.93
CA LYS A 99 -36.53 -12.52 -16.98
C LYS A 99 -36.62 -11.96 -15.56
N LEU A 100 -35.67 -11.10 -15.20
CA LEU A 100 -35.73 -10.45 -13.89
C LEU A 100 -36.72 -9.30 -13.98
N LYS A 101 -37.60 -9.22 -13.00
CA LYS A 101 -38.50 -8.08 -12.92
C LYS A 101 -37.74 -6.84 -12.45
N ASP A 102 -38.49 -5.73 -12.38
CA ASP A 102 -37.94 -4.40 -12.11
C ASP A 102 -37.23 -4.28 -10.77
N ASN A 103 -37.59 -5.12 -9.80
CA ASN A 103 -37.17 -4.94 -8.42
C ASN A 103 -36.42 -6.14 -7.88
N GLN A 104 -35.83 -6.95 -8.76
CA GLN A 104 -35.23 -8.23 -8.38
C GLN A 104 -33.75 -8.18 -8.73
N CYS A 105 -32.93 -8.73 -7.85
CA CYS A 105 -31.49 -8.89 -8.12
C CYS A 105 -31.12 -10.30 -8.59
N ILE A 106 -32.00 -11.27 -8.40
CA ILE A 106 -31.79 -12.68 -8.71
C ILE A 106 -33.18 -13.32 -8.78
N PRO A 107 -33.45 -14.37 -9.58
CA PRO A 107 -34.81 -14.91 -9.63
C PRO A 107 -35.26 -15.42 -8.26
N ALA A 108 -36.57 -15.56 -8.11
CA ALA A 108 -37.15 -16.10 -6.90
C ALA A 108 -37.14 -17.62 -6.94
N GLY A 109 -37.24 -18.22 -5.76
CA GLY A 109 -37.41 -19.65 -5.61
C GLY A 109 -36.20 -20.52 -5.88
N ILE A 110 -34.98 -19.98 -5.78
CA ILE A 110 -33.78 -20.77 -5.95
C ILE A 110 -32.85 -20.48 -4.79
N ALA A 111 -31.86 -21.36 -4.61
CA ALA A 111 -30.94 -21.26 -3.48
C ALA A 111 -29.71 -22.10 -3.78
N PRO A 112 -28.60 -21.83 -3.10
CA PRO A 112 -27.40 -22.67 -3.26
C PRO A 112 -27.61 -24.01 -2.58
N VAL A 113 -26.74 -24.96 -2.93
CA VAL A 113 -26.73 -26.23 -2.22
C VAL A 113 -26.41 -25.95 -0.76
N THR A 114 -27.27 -26.46 0.14
CA THR A 114 -27.01 -26.40 1.58
C THR A 114 -26.87 -27.77 2.23
N GLN A 115 -27.71 -28.74 1.88
CA GLN A 115 -27.62 -30.08 2.47
C GLN A 115 -26.42 -30.85 1.93
N LYS A 116 -25.63 -31.47 2.81
CA LYS A 116 -24.39 -32.12 2.35
C LYS A 116 -24.61 -33.24 1.35
N ASN A 117 -25.69 -34.01 1.46
CA ASN A 117 -25.93 -35.03 0.43
C ASN A 117 -26.03 -34.41 -0.96
N ASP A 118 -26.78 -33.30 -1.09
CA ASP A 118 -27.28 -32.76 -2.36
C ASP A 118 -26.14 -32.52 -3.37
N PRO A 119 -26.21 -33.12 -4.57
CA PRO A 119 -25.21 -32.82 -5.61
C PRO A 119 -25.46 -31.51 -6.35
N GLY A 120 -26.67 -30.93 -6.25
CA GLY A 120 -26.96 -29.67 -6.91
C GLY A 120 -27.29 -29.86 -8.37
N ARG A 121 -27.63 -28.75 -9.01
CA ARG A 121 -27.98 -28.67 -10.42
C ARG A 121 -27.45 -27.34 -10.99
N TRP A 122 -26.75 -27.43 -12.11
CA TRP A 122 -26.10 -26.27 -12.74
C TRP A 122 -27.07 -25.61 -13.71
N GLU A 123 -27.39 -24.35 -13.46
CA GLU A 123 -28.31 -23.63 -14.33
C GLU A 123 -27.78 -22.22 -14.55
N VAL A 124 -28.14 -21.64 -15.68
CA VAL A 124 -27.80 -20.25 -16.02
C VAL A 124 -28.80 -19.34 -15.31
N VAL A 125 -28.29 -18.42 -14.49
CA VAL A 125 -29.10 -17.63 -13.58
C VAL A 125 -28.82 -16.14 -13.87
N PRO A 126 -29.83 -15.34 -14.13
CA PRO A 126 -29.59 -13.89 -14.29
C PRO A 126 -29.31 -13.23 -12.94
N CYS A 127 -28.20 -12.48 -12.87
CA CYS A 127 -27.80 -11.81 -11.64
C CYS A 127 -27.40 -10.38 -11.95
N LEU A 128 -27.80 -9.44 -11.08
CA LEU A 128 -27.38 -8.06 -11.26
C LEU A 128 -25.91 -7.90 -10.88
N LEU A 129 -25.27 -6.87 -11.43
CA LEU A 129 -23.89 -6.57 -11.05
C LEU A 129 -23.75 -6.33 -9.55
N SER A 130 -24.82 -5.85 -8.90
CA SER A 130 -24.79 -5.70 -7.46
C SER A 130 -24.65 -7.04 -6.72
N CYS A 131 -24.73 -8.18 -7.40
CA CYS A 131 -24.49 -9.46 -6.75
C CYS A 131 -23.08 -9.97 -6.97
N MET A 132 -22.25 -9.20 -7.68
CA MET A 132 -20.87 -9.61 -7.93
C MET A 132 -20.04 -9.27 -6.71
N HIS A 133 -19.57 -10.31 -6.00
CA HIS A 133 -18.70 -10.06 -4.87
C HIS A 133 -17.29 -10.52 -5.14
N GLY A 134 -17.00 -10.97 -6.35
CA GLY A 134 -15.65 -11.25 -6.76
C GLY A 134 -15.59 -11.71 -8.19
N LEU A 135 -14.49 -11.42 -8.84
CA LEU A 135 -14.18 -11.88 -10.19
C LEU A 135 -12.86 -12.61 -10.09
N SER A 136 -12.74 -13.73 -10.81
N SER A 136 -12.74 -13.73 -10.81
CA SER A 136 -11.48 -14.44 -10.83
CA SER A 136 -11.48 -14.43 -10.82
C SER A 136 -10.67 -14.10 -12.06
C SER A 136 -10.66 -14.06 -12.05
N GLN A 137 -9.33 -14.14 -11.91
CA GLN A 137 -8.47 -14.11 -13.07
C GLN A 137 -8.64 -15.35 -13.95
N ILE A 138 -9.17 -16.44 -13.38
CA ILE A 138 -9.39 -17.68 -14.12
C ILE A 138 -10.59 -17.55 -15.05
N LYS A 139 -10.44 -18.06 -16.27
CA LYS A 139 -11.55 -18.24 -17.21
C LYS A 139 -11.62 -19.71 -17.57
N LEU A 140 -12.84 -20.24 -17.66
CA LEU A 140 -13.01 -21.60 -18.17
C LEU A 140 -13.52 -21.52 -19.61
N HIS A 141 -13.27 -22.58 -20.37
CA HIS A 141 -13.77 -22.65 -21.74
C HIS A 141 -15.27 -22.93 -21.75
N VAL A 142 -16.03 -22.07 -22.41
CA VAL A 142 -17.47 -22.25 -22.54
C VAL A 142 -17.79 -22.40 -24.03
N PRO A 143 -18.88 -23.01 -24.38
CA PRO A 143 -19.24 -23.10 -25.81
C PRO A 143 -19.56 -21.76 -26.48
N ASP A 144 -18.65 -21.30 -27.33
CA ASP A 144 -18.98 -20.31 -28.34
C ASP A 144 -19.17 -21.14 -29.62
N LYS A 145 -19.60 -20.53 -30.71
CA LYS A 145 -19.75 -21.47 -31.81
C LYS A 145 -18.51 -21.60 -32.72
N LYS A 146 -17.28 -21.35 -32.25
CA LYS A 146 -16.18 -21.93 -33.01
C LYS A 146 -16.15 -23.41 -32.68
N SER A 147 -16.77 -23.76 -31.55
CA SER A 147 -17.14 -25.11 -31.16
C SER A 147 -18.58 -25.38 -31.61
N GLY A 148 -19.31 -26.05 -30.75
CA GLY A 148 -20.72 -26.28 -30.91
C GLY A 148 -21.19 -26.38 -29.48
N GLY A 149 -22.22 -27.18 -29.20
CA GLY A 149 -22.68 -27.19 -27.84
C GLY A 149 -23.22 -25.84 -27.41
N SER A 150 -23.94 -25.83 -26.31
CA SER A 150 -24.49 -24.62 -25.74
C SER A 150 -25.06 -24.98 -24.38
N MET A 151 -25.14 -23.98 -23.50
CA MET A 151 -25.54 -24.25 -22.14
C MET A 151 -27.05 -24.47 -22.04
N ASP A 152 -27.76 -24.41 -23.16
CA ASP A 152 -29.11 -24.98 -23.19
C ASP A 152 -29.06 -26.49 -22.99
N ASP A 153 -27.93 -27.12 -23.31
CA ASP A 153 -27.76 -28.56 -23.14
C ASP A 153 -27.44 -28.88 -21.67
N PRO A 154 -28.33 -29.60 -20.96
CA PRO A 154 -28.05 -29.92 -19.54
C PRO A 154 -26.72 -30.63 -19.33
N GLU A 155 -26.26 -31.44 -20.28
CA GLU A 155 -25.00 -32.16 -20.10
C GLU A 155 -23.79 -31.22 -20.27
N THR A 156 -23.89 -30.21 -21.14
CA THR A 156 -22.83 -29.21 -21.19
C THR A 156 -22.74 -28.48 -19.86
N ARG A 157 -23.88 -28.09 -19.30
CA ARG A 157 -23.89 -27.39 -18.02
C ARG A 157 -23.29 -28.25 -16.92
N ARG A 158 -23.62 -29.53 -16.92
CA ARG A 158 -23.05 -30.44 -15.92
C ARG A 158 -21.53 -30.50 -16.05
N ARG A 159 -21.04 -30.64 -17.27
CA ARG A 159 -19.61 -30.78 -17.49
C ARG A 159 -18.85 -29.51 -17.08
N VAL A 160 -19.33 -28.36 -17.50
CA VAL A 160 -18.66 -27.12 -17.13
C VAL A 160 -18.69 -26.92 -15.62
N GLY A 161 -19.84 -27.15 -15.00
CA GLY A 161 -19.89 -27.07 -13.56
C GLY A 161 -18.93 -28.03 -12.92
N LYS A 162 -18.80 -29.26 -13.49
CA LYS A 162 -17.87 -30.17 -12.84
C LYS A 162 -16.43 -29.68 -13.02
N SER A 163 -16.10 -29.05 -14.16
CA SER A 163 -14.76 -28.48 -14.22
C SER A 163 -14.60 -27.26 -13.28
N LEU A 164 -15.67 -26.53 -12.99
CA LEU A 164 -15.56 -25.49 -11.96
C LEU A 164 -15.26 -26.10 -10.59
N LEU A 165 -15.94 -27.19 -10.22
CA LEU A 165 -15.57 -27.85 -8.97
C LEU A 165 -14.10 -28.32 -9.00
N GLU A 166 -13.60 -28.81 -10.14
CA GLU A 166 -12.22 -29.27 -10.18
C GLU A 166 -11.24 -28.10 -10.07
N VAL A 167 -11.51 -26.98 -10.71
CA VAL A 167 -10.59 -25.87 -10.56
CA VAL A 167 -10.59 -25.86 -10.55
C VAL A 167 -10.56 -25.41 -9.10
N GLN A 168 -11.70 -25.44 -8.42
CA GLN A 168 -11.68 -25.07 -7.01
C GLN A 168 -10.84 -26.05 -6.19
N ARG A 169 -10.95 -27.35 -6.50
CA ARG A 169 -10.13 -28.32 -5.76
C ARG A 169 -8.65 -28.04 -5.97
N ARG A 170 -8.26 -27.64 -7.18
CA ARG A 170 -6.84 -27.43 -7.40
C ARG A 170 -6.33 -26.12 -6.83
N PHE A 171 -7.22 -25.18 -6.45
CA PHE A 171 -6.81 -23.96 -5.77
C PHE A 171 -7.07 -24.13 -4.28
N GLU A 172 -6.10 -24.77 -3.63
CA GLU A 172 -6.17 -25.13 -2.20
C GLU A 172 -6.58 -23.93 -1.33
N ASP A 173 -5.96 -22.77 -1.55
CA ASP A 173 -6.16 -21.60 -0.70
C ASP A 173 -7.26 -20.67 -1.23
N GLY A 174 -8.04 -21.08 -2.23
CA GLY A 174 -9.12 -20.22 -2.72
C GLY A 174 -8.96 -19.82 -4.18
N ILE A 175 -10.08 -19.63 -4.88
CA ILE A 175 -10.07 -19.15 -6.26
C ILE A 175 -9.37 -17.79 -6.31
N PRO A 176 -8.46 -17.54 -7.25
CA PRO A 176 -7.72 -16.26 -7.23
C PRO A 176 -8.63 -15.13 -7.67
N HIS A 177 -8.57 -14.03 -6.95
CA HIS A 177 -9.40 -12.87 -7.23
C HIS A 177 -8.64 -11.87 -8.09
N MET A 178 -9.34 -11.25 -9.03
CA MET A 178 -8.74 -10.08 -9.67
C MET A 178 -8.52 -8.98 -8.63
N ASP A 179 -7.30 -8.51 -8.53
CA ASP A 179 -7.03 -7.41 -7.62
C ASP A 179 -7.60 -6.11 -8.22
N PRO A 180 -8.34 -5.31 -7.46
CA PRO A 180 -9.01 -4.16 -8.09
C PRO A 180 -8.03 -3.14 -8.60
N ILE A 181 -6.82 -3.10 -8.06
CA ILE A 181 -5.79 -2.15 -8.52
C ILE A 181 -4.88 -2.77 -9.57
N GLU A 182 -4.36 -3.96 -9.30
CA GLU A 182 -3.37 -4.50 -10.20
C GLU A 182 -3.95 -5.29 -11.36
N ASN A 183 -5.20 -5.74 -11.28
CA ASN A 183 -5.82 -6.46 -12.41
C ASN A 183 -6.96 -5.69 -13.07
N MET A 184 -7.75 -4.94 -12.30
CA MET A 184 -8.84 -4.14 -12.87
C MET A 184 -8.43 -2.69 -13.12
N HIS A 185 -7.20 -2.33 -12.74
CA HIS A 185 -6.66 -0.99 -12.95
C HIS A 185 -7.60 0.10 -12.41
N ILE A 186 -8.20 -0.13 -11.25
CA ILE A 186 -8.94 0.95 -10.59
C ILE A 186 -7.90 1.85 -9.92
N ARG A 187 -7.66 3.02 -10.51
CA ARG A 187 -6.57 3.91 -10.10
C ARG A 187 -6.99 5.02 -9.14
N ASP A 188 -8.30 5.22 -8.95
CA ASP A 188 -8.85 6.28 -8.11
C ASP A 188 -8.06 6.50 -6.84
N VAL A 189 -7.82 7.78 -6.52
CA VAL A 189 -7.12 8.13 -5.29
C VAL A 189 -7.99 7.80 -4.07
N GLU A 190 -9.30 8.03 -4.17
CA GLU A 190 -10.14 7.75 -3.03
C GLU A 190 -10.28 6.25 -2.84
N PHE A 191 -10.11 5.49 -3.90
CA PHE A 191 -10.27 4.05 -3.75
C PHE A 191 -9.07 3.46 -3.01
N LYS A 192 -7.85 3.92 -3.34
CA LYS A 192 -6.68 3.52 -2.56
C LYS A 192 -6.84 3.91 -1.10
N LYS A 193 -7.42 5.10 -0.83
CA LYS A 193 -7.67 5.52 0.54
C LYS A 193 -8.63 4.59 1.26
N LEU A 194 -9.71 4.18 0.58
CA LEU A 194 -10.66 3.22 1.14
C LEU A 194 -9.96 1.96 1.64
N LEU A 195 -9.11 1.36 0.77
CA LEU A 195 -8.43 0.11 1.15
C LEU A 195 -7.52 0.33 2.37
N ARG A 196 -6.81 1.46 2.39
CA ARG A 196 -5.91 1.76 3.50
C ARG A 196 -6.67 1.93 4.80
N LYS A 197 -7.82 2.62 4.76
CA LYS A 197 -8.62 2.79 5.97
C LYS A 197 -9.12 1.44 6.50
N ILE A 198 -9.57 0.56 5.60
CA ILE A 198 -9.99 -0.77 6.05
C ILE A 198 -8.82 -1.48 6.75
N GLU A 199 -7.62 -1.40 6.16
CA GLU A 199 -6.46 -2.05 6.77
C GLU A 199 -6.19 -1.48 8.16
N VAL A 200 -6.24 -0.14 8.30
CA VAL A 200 -5.98 0.45 9.60
C VAL A 200 -7.03 -0.01 10.62
N LEU A 201 -8.32 0.00 10.23
CA LEU A 201 -9.34 -0.44 11.19
C LEU A 201 -9.16 -1.90 11.58
N GLU A 202 -8.76 -2.76 10.63
CA GLU A 202 -8.61 -4.18 10.95
C GLU A 202 -7.48 -4.40 11.96
N SER A 203 -6.39 -3.64 11.81
CA SER A 203 -5.33 -3.65 12.80
C SER A 203 -5.84 -3.33 14.19
N ARG A 204 -6.79 -2.39 14.28
CA ARG A 204 -7.39 -2.05 15.57
C ARG A 204 -8.34 -3.14 16.04
N LEU A 205 -9.09 -3.73 15.12
CA LEU A 205 -10.02 -4.79 15.52
C LEU A 205 -9.29 -5.98 16.11
N VAL A 206 -8.23 -6.45 15.43
CA VAL A 206 -7.56 -7.67 15.89
C VAL A 206 -6.75 -7.41 17.14
N ALA A 207 -6.39 -6.15 17.41
CA ALA A 207 -5.71 -5.86 18.66
C ALA A 207 -6.67 -5.77 19.85
N ASN A 208 -7.98 -5.71 19.61
CA ASN A 208 -8.99 -5.70 20.67
C ASN A 208 -9.13 -7.10 21.29
N PRO A 209 -9.21 -7.21 22.63
CA PRO A 209 -9.26 -8.55 23.24
C PRO A 209 -10.53 -9.33 22.98
N LEU A 210 -11.62 -8.69 22.55
CA LEU A 210 -12.85 -9.44 22.26
C LEU A 210 -12.80 -10.11 20.90
N HIS A 211 -11.76 -9.82 20.12
CA HIS A 211 -11.64 -10.42 18.81
C HIS A 211 -11.06 -11.82 18.96
N ASN A 212 -11.84 -12.83 18.57
CA ASN A 212 -11.35 -14.20 18.54
C ASN A 212 -12.20 -15.09 17.64
N TYR B 4 -13.38 -14.05 11.87
CA TYR B 4 -13.37 -12.83 11.07
C TYR B 4 -12.59 -13.03 9.78
N SER B 5 -13.15 -12.58 8.66
CA SER B 5 -12.49 -12.70 7.36
C SER B 5 -12.39 -11.31 6.75
N SER B 6 -11.17 -10.86 6.53
CA SER B 6 -10.94 -9.55 5.94
C SER B 6 -11.47 -9.53 4.52
N PRO B 7 -12.17 -8.46 4.12
CA PRO B 7 -12.56 -8.31 2.72
C PRO B 7 -11.40 -8.15 1.78
N LEU B 8 -10.20 -7.85 2.30
CA LEU B 8 -9.02 -7.67 1.47
C LEU B 8 -8.16 -8.94 1.40
N ARG B 9 -8.64 -10.04 1.95
CA ARG B 9 -7.74 -11.18 2.13
C ARG B 9 -7.28 -11.77 0.82
N PHE B 10 -8.06 -11.66 -0.25
CA PHE B 10 -7.66 -12.26 -1.53
C PHE B 10 -6.99 -11.29 -2.48
N PHE B 11 -6.79 -10.03 -2.06
CA PHE B 11 -6.09 -9.05 -2.88
C PHE B 11 -4.57 -9.16 -2.68
N ARG B 12 -3.83 -8.56 -3.61
CA ARG B 12 -2.39 -8.83 -3.68
C ARG B 12 -1.61 -8.26 -2.50
N ASN B 13 -2.10 -7.17 -1.88
CA ASN B 13 -1.35 -6.62 -0.76
C ASN B 13 -1.42 -7.48 0.50
N PHE B 14 -2.32 -8.45 0.56
CA PHE B 14 -2.37 -9.36 1.71
C PHE B 14 -1.11 -10.21 1.82
N ARG B 15 -0.40 -10.40 0.69
CA ARG B 15 0.89 -11.08 0.71
C ARG B 15 1.89 -10.41 1.65
N PHE B 16 1.73 -9.09 1.94
CA PHE B 16 2.70 -8.42 2.80
C PHE B 16 2.25 -8.35 4.26
N HIS B 17 1.03 -8.81 4.55
CA HIS B 17 0.55 -8.86 5.92
C HIS B 17 1.46 -9.75 6.76
N PRO B 18 1.82 -9.34 7.97
CA PRO B 18 2.75 -10.17 8.76
C PRO B 18 2.18 -11.55 9.09
N GLU B 19 0.87 -11.75 9.04
CA GLU B 19 0.28 -13.07 9.30
C GLU B 19 0.06 -13.89 8.04
N PHE B 20 0.50 -13.40 6.88
CA PHE B 20 0.22 -14.06 5.60
C PHE B 20 0.65 -15.53 5.62
N THR B 21 1.90 -15.82 5.96
CA THR B 21 2.35 -17.21 5.87
C THR B 21 1.68 -18.09 6.91
N ARG B 22 1.22 -17.52 8.04
CA ARG B 22 0.51 -18.28 9.06
C ARG B 22 -0.95 -18.51 8.69
N LEU B 23 -1.51 -17.73 7.76
CA LEU B 23 -2.90 -17.85 7.41
C LEU B 23 -3.15 -18.54 6.08
N VAL B 24 -2.16 -18.58 5.20
CA VAL B 24 -2.32 -19.13 3.86
C VAL B 24 -1.37 -20.32 3.76
N ALA B 25 -1.94 -21.50 3.56
CA ALA B 25 -1.16 -22.73 3.66
C ALA B 25 0.03 -22.72 2.71
N GLY B 26 -0.20 -22.38 1.45
CA GLY B 26 0.88 -22.34 0.47
C GLY B 26 1.84 -21.17 0.53
N GLY B 27 1.55 -20.17 1.37
CA GLY B 27 2.41 -19.00 1.48
C GLY B 27 2.67 -18.29 0.15
N TRP B 28 3.93 -17.92 -0.08
CA TRP B 28 4.31 -17.27 -1.31
C TRP B 28 4.23 -18.19 -2.53
N ARG B 29 4.20 -19.50 -2.32
CA ARG B 29 3.98 -20.39 -3.45
C ARG B 29 2.51 -20.55 -3.80
N SER B 30 1.60 -19.93 -3.04
CA SER B 30 0.18 -20.22 -3.23
C SER B 30 -0.27 -19.81 -4.63
N LEU B 31 -1.07 -20.67 -5.28
CA LEU B 31 -1.58 -20.28 -6.58
C LEU B 31 -2.60 -19.14 -6.45
N THR B 32 -3.27 -19.06 -5.30
CA THR B 32 -4.26 -18.03 -5.02
C THR B 32 -3.68 -16.62 -5.12
N TYR B 33 -2.37 -16.47 -4.85
CA TYR B 33 -1.72 -15.18 -4.86
C TYR B 33 -0.67 -15.10 -5.97
N SER B 34 -0.74 -16.01 -6.95
CA SER B 34 0.21 -16.02 -8.07
C SER B 34 0.04 -14.82 -9.00
N SER B 35 1.17 -14.26 -9.43
CA SER B 35 1.14 -13.16 -10.39
C SER B 35 1.32 -13.61 -11.83
N ARG B 36 1.26 -14.92 -12.10
CA ARG B 36 1.55 -15.46 -13.42
C ARG B 36 0.30 -15.96 -14.14
N ILE B 37 -0.89 -15.59 -13.67
CA ILE B 37 -2.11 -16.05 -14.33
C ILE B 37 -2.44 -15.06 -15.45
N ASP B 38 -2.55 -15.55 -16.70
CA ASP B 38 -3.05 -14.72 -17.80
C ASP B 38 -4.58 -14.63 -17.73
N PRO B 39 -5.15 -13.47 -17.40
CA PRO B 39 -6.61 -13.40 -17.21
C PRO B 39 -7.39 -13.55 -18.50
N ASP B 40 -6.76 -13.49 -19.68
CA ASP B 40 -7.49 -13.64 -20.93
C ASP B 40 -7.35 -15.00 -21.60
N LYS B 41 -6.58 -15.93 -21.03
CA LYS B 41 -6.41 -17.27 -21.60
C LYS B 41 -7.24 -18.26 -20.78
N GLU B 42 -8.05 -19.07 -21.44
CA GLU B 42 -8.83 -20.05 -20.71
C GLU B 42 -7.92 -21.17 -20.23
N MET B 43 -8.19 -21.65 -19.02
CA MET B 43 -7.52 -22.81 -18.47
C MET B 43 -7.89 -24.06 -19.27
N CYS B 44 -6.93 -24.95 -19.41
CA CYS B 44 -7.14 -26.07 -20.32
C CYS B 44 -8.27 -27.00 -19.84
N PRO B 45 -9.32 -27.22 -20.63
CA PRO B 45 -10.40 -28.08 -20.17
C PRO B 45 -10.03 -29.56 -20.21
N TYR B 46 -9.08 -29.96 -21.05
CA TYR B 46 -8.60 -31.34 -21.01
C TYR B 46 -7.93 -31.63 -19.68
N GLU B 47 -7.08 -30.71 -19.24
CA GLU B 47 -6.43 -30.89 -17.95
C GLU B 47 -7.44 -30.97 -16.82
N LEU B 48 -8.48 -30.10 -16.85
CA LEU B 48 -9.48 -30.09 -15.80
C LEU B 48 -10.39 -31.32 -15.88
N GLU B 49 -10.43 -31.97 -17.04
CA GLU B 49 -11.30 -33.12 -17.29
C GLU B 49 -10.58 -34.48 -17.13
N GLY B 50 -9.26 -34.51 -17.05
CA GLY B 50 -8.56 -35.81 -17.03
C GLY B 50 -8.29 -36.44 -18.38
N THR B 51 -8.49 -35.72 -19.49
CA THR B 51 -8.13 -36.12 -20.84
C THR B 51 -6.82 -35.46 -21.26
N GLN B 52 -6.22 -36.03 -22.29
CA GLN B 52 -4.96 -35.56 -22.87
C GLN B 52 -5.10 -34.31 -23.73
N CYS B 53 -4.15 -33.39 -23.62
CA CYS B 53 -4.21 -32.23 -24.52
C CYS B 53 -3.93 -32.68 -25.94
N PRO B 54 -4.53 -32.05 -26.93
CA PRO B 54 -4.07 -32.25 -28.31
C PRO B 54 -2.67 -31.69 -28.47
N SER B 55 -1.94 -32.24 -29.45
CA SER B 55 -0.62 -31.72 -29.80
C SER B 55 -0.69 -30.22 -30.02
N GLY B 56 0.22 -29.49 -29.38
CA GLY B 56 0.23 -28.05 -29.56
C GLY B 56 -0.85 -27.29 -28.81
N CYS B 57 -1.44 -27.87 -27.76
CA CYS B 57 -2.52 -27.20 -27.01
C CYS B 57 -2.11 -25.83 -26.51
N SER B 58 -2.89 -24.80 -26.84
CA SER B 58 -2.56 -23.42 -26.53
C SER B 58 -3.40 -22.82 -25.39
N PHE B 59 -4.18 -23.64 -24.67
CA PHE B 59 -4.84 -23.16 -23.47
C PHE B 59 -3.80 -22.88 -22.38
N GLN B 60 -4.24 -22.18 -21.34
CA GLN B 60 -3.43 -21.99 -20.14
C GLN B 60 -3.48 -23.26 -19.29
N HIS B 61 -2.30 -23.71 -18.85
CA HIS B 61 -2.15 -24.91 -18.03
C HIS B 61 -1.67 -24.54 -16.64
N PHE B 62 -1.88 -25.48 -15.70
CA PHE B 62 -1.50 -25.20 -14.32
C PHE B 62 0.00 -24.98 -14.16
N VAL B 63 0.83 -25.67 -14.95
CA VAL B 63 2.26 -25.43 -14.91
C VAL B 63 2.62 -23.98 -15.35
N ASP B 64 1.77 -23.33 -16.15
CA ASP B 64 2.09 -21.94 -16.57
C ASP B 64 1.94 -20.93 -15.44
N ILE B 65 1.10 -21.22 -14.44
CA ILE B 65 0.72 -20.21 -13.45
C ILE B 65 1.37 -20.44 -12.10
N THR B 66 2.22 -21.45 -11.94
CA THR B 66 2.85 -21.73 -10.64
C THR B 66 3.86 -20.62 -10.34
N PRO B 67 3.80 -20.00 -9.13
CA PRO B 67 4.49 -18.72 -8.86
C PRO B 67 5.99 -18.70 -9.15
N ALA B 68 6.52 -17.47 -9.31
CA ALA B 68 7.92 -17.29 -9.72
C ALA B 68 8.88 -17.23 -8.54
N ALA B 69 8.48 -16.61 -7.42
CA ALA B 69 9.32 -16.63 -6.21
C ALA B 69 9.10 -17.91 -5.41
N MET C 1 -4.82 -11.52 39.05
CA MET C 1 -3.94 -10.81 38.11
C MET C 1 -2.67 -11.61 37.80
N ASP C 2 -2.15 -11.44 36.58
CA ASP C 2 -0.81 -11.87 36.21
C ASP C 2 -0.12 -10.70 35.48
N GLU C 3 1.13 -10.94 35.08
CA GLU C 3 1.97 -9.96 34.41
C GLU C 3 2.29 -10.35 32.97
N ALA C 4 1.50 -11.27 32.42
CA ALA C 4 1.67 -11.61 31.00
C ALA C 4 1.50 -10.39 30.11
N LEU C 5 0.67 -9.43 30.51
CA LEU C 5 0.53 -8.25 29.65
C LEU C 5 1.74 -7.32 29.78
N ILE C 6 2.41 -7.32 30.95
CA ILE C 6 3.68 -6.60 31.08
C ILE C 6 4.77 -7.29 30.26
N LYS C 7 4.70 -8.61 30.15
CA LYS C 7 5.64 -9.34 29.32
C LYS C 7 5.43 -9.01 27.85
N ASP C 8 4.17 -9.05 27.38
CA ASP C 8 3.89 -8.74 25.99
C ASP C 8 4.25 -7.31 25.67
N TYR C 9 4.10 -6.39 26.65
CA TYR C 9 4.37 -4.99 26.36
C TYR C 9 5.83 -4.78 25.99
N HIS C 10 6.75 -5.25 26.84
CA HIS C 10 8.16 -5.02 26.56
C HIS C 10 8.64 -5.79 25.33
N SER C 11 8.03 -6.94 25.04
CA SER C 11 8.40 -7.66 23.83
C SER C 11 7.98 -6.88 22.57
N ILE C 12 6.78 -6.31 22.56
CA ILE C 12 6.33 -5.54 21.39
C ILE C 12 7.24 -4.34 21.17
N ARG C 13 7.58 -3.65 22.24
CA ARG C 13 8.46 -2.49 22.12
C ARG C 13 9.83 -2.90 21.60
N GLU C 14 10.28 -4.09 21.95
CA GLU C 14 11.62 -4.52 21.54
C GLU C 14 11.63 -4.94 20.07
N GLN C 15 10.56 -5.59 19.59
CA GLN C 15 10.46 -5.90 18.17
C GLN C 15 10.38 -4.62 17.34
N ILE C 16 9.56 -3.65 17.77
CA ILE C 16 9.44 -2.40 17.02
C ILE C 16 10.79 -1.73 16.89
N ASP C 17 11.54 -1.66 18.00
CA ASP C 17 12.84 -1.01 17.98
C ASP C 17 13.77 -1.69 16.98
N GLN C 18 13.79 -3.02 16.99
CA GLN C 18 14.66 -3.73 16.07
C GLN C 18 14.22 -3.54 14.62
N TYR C 19 12.91 -3.67 14.35
CA TYR C 19 12.44 -3.52 12.98
C TYR C 19 12.67 -2.10 12.47
N THR C 20 12.57 -1.12 13.34
CA THR C 20 12.84 0.25 12.93
C THR C 20 14.29 0.40 12.49
N LYS C 21 15.22 -0.21 13.22
CA LYS C 21 16.61 -0.20 12.81
C LYS C 21 16.80 -0.88 11.46
N ASP C 22 16.13 -2.03 11.26
CA ASP C 22 16.22 -2.71 9.96
C ASP C 22 15.74 -1.78 8.84
N MET C 23 14.62 -1.08 9.09
CA MET C 23 14.02 -0.22 8.07
C MET C 23 14.94 0.95 7.73
N VAL C 24 15.53 1.55 8.76
CA VAL C 24 16.45 2.66 8.53
C VAL C 24 17.64 2.20 7.68
N LEU C 25 18.16 1.00 7.99
CA LEU C 25 19.28 0.46 7.23
C LEU C 25 18.92 0.28 5.76
N VAL C 26 17.70 -0.17 5.47
CA VAL C 26 17.32 -0.32 4.08
C VAL C 26 17.24 1.06 3.39
N MET C 27 16.67 2.04 4.07
CA MET C 27 16.52 3.36 3.45
C MET C 27 17.87 4.02 3.22
N GLN C 28 18.87 3.67 4.04
CA GLN C 28 20.20 4.22 3.89
C GLN C 28 21.02 3.52 2.82
N HIS C 29 20.58 2.34 2.36
CA HIS C 29 21.37 1.57 1.41
C HIS C 29 21.52 2.36 0.11
N PRO C 30 22.73 2.52 -0.41
CA PRO C 30 22.93 3.37 -1.60
C PRO C 30 22.02 2.99 -2.77
N THR C 31 21.69 1.72 -2.95
CA THR C 31 20.78 1.35 -4.03
C THR C 31 19.44 2.05 -3.89
N ASN C 32 18.99 2.29 -2.65
CA ASN C 32 17.68 2.89 -2.49
C ASN C 32 17.74 4.39 -2.41
N CYS C 33 18.84 5.00 -1.94
CA CYS C 33 18.79 6.49 -1.73
C CYS C 33 19.71 7.33 -2.62
N VAL C 34 20.68 6.73 -3.32
CA VAL C 34 21.67 7.54 -4.06
C VAL C 34 21.02 8.48 -5.06
N LYS C 35 19.98 8.05 -5.81
CA LYS C 35 19.50 9.00 -6.79
C LYS C 35 18.79 10.19 -6.14
N TYR C 36 18.56 10.14 -4.83
CA TYR C 36 17.87 11.22 -4.13
C TYR C 36 18.85 12.05 -3.33
N ILE C 37 20.13 11.75 -3.37
CA ILE C 37 21.10 12.63 -2.74
C ILE C 37 21.38 13.76 -3.72
N ASN C 38 20.56 14.83 -3.68
CA ASN C 38 20.62 15.89 -4.69
C ASN C 38 21.05 17.19 -4.04
N PRO C 39 21.99 17.94 -4.63
CA PRO C 39 22.39 19.24 -4.06
C PRO C 39 21.15 20.09 -3.78
N GLY C 40 21.06 20.64 -2.56
CA GLY C 40 19.93 21.45 -2.14
C GLY C 40 18.92 20.69 -1.29
N ARG C 41 18.83 19.36 -1.46
CA ARG C 41 17.88 18.58 -0.65
C ARG C 41 18.35 18.51 0.81
N LEU C 42 17.39 18.57 1.73
CA LEU C 42 17.70 18.60 3.15
C LEU C 42 17.87 17.18 3.66
N MET C 43 18.83 17.03 4.55
CA MET C 43 19.17 15.73 5.14
C MET C 43 19.26 15.91 6.64
N HIS C 44 18.62 15.00 7.39
CA HIS C 44 18.68 14.96 8.84
C HIS C 44 19.82 14.05 9.25
N VAL C 45 20.84 14.61 9.89
CA VAL C 45 22.06 13.88 10.21
C VAL C 45 22.06 13.53 11.69
N VAL C 46 22.12 12.23 12.02
CA VAL C 46 22.38 11.78 13.38
C VAL C 46 23.43 10.68 13.33
N THR C 47 24.47 10.81 14.14
CA THR C 47 25.64 9.96 14.02
C THR C 47 25.40 8.61 14.70
N SER C 48 26.39 7.72 14.61
CA SER C 48 26.21 6.36 15.09
C SER C 48 25.93 6.31 16.58
N ASP C 49 26.54 7.22 17.35
CA ASP C 49 26.39 7.23 18.80
C ASP C 49 25.15 7.97 19.29
N GLY C 50 24.35 8.54 18.38
CA GLY C 50 23.12 9.23 18.74
C GLY C 50 23.13 10.75 18.71
N THR C 51 24.26 11.38 18.39
CA THR C 51 24.30 12.85 18.36
C THR C 51 23.46 13.40 17.19
N ASP C 52 22.52 14.30 17.50
CA ASP C 52 21.57 14.81 16.53
C ASP C 52 22.05 16.18 16.01
N PHE C 53 22.52 16.21 14.76
CA PHE C 53 22.90 17.47 14.15
C PHE C 53 21.74 18.18 13.47
N GLY C 54 20.54 17.60 13.52
CA GLY C 54 19.39 18.17 12.87
C GLY C 54 19.48 18.20 11.35
N TRP C 55 18.70 19.10 10.77
CA TRP C 55 18.61 19.19 9.33
C TRP C 55 19.75 20.01 8.75
N GLY C 56 20.35 19.51 7.67
CA GLY C 56 21.30 20.25 6.88
C GLY C 56 20.90 20.24 5.42
N VAL C 57 21.68 20.97 4.61
CA VAL C 57 21.48 21.06 3.16
C VAL C 57 22.57 20.23 2.48
N ILE C 58 22.16 19.26 1.64
CA ILE C 58 23.13 18.46 0.90
C ILE C 58 23.83 19.36 -0.12
N ILE C 59 25.17 19.34 -0.10
CA ILE C 59 26.00 20.11 -1.03
C ILE C 59 26.63 19.21 -2.09
N ASN C 60 27.12 18.03 -1.70
CA ASN C 60 27.82 17.20 -2.66
C ASN C 60 27.81 15.78 -2.11
N PHE C 61 28.16 14.83 -2.94
CA PHE C 61 28.26 13.43 -2.53
C PHE C 61 29.24 12.69 -3.45
N TYR C 62 29.97 11.71 -2.89
CA TYR C 62 30.93 10.94 -3.67
C TYR C 62 31.16 9.57 -3.03
N GLU C 63 31.68 8.64 -3.83
CA GLU C 63 32.03 7.31 -3.33
C GLU C 63 33.29 7.39 -2.45
N ARG C 64 33.25 6.78 -1.28
CA ARG C 64 34.38 6.92 -0.38
C ARG C 64 35.61 6.17 -0.91
N ARG C 65 36.86 6.87 -0.84
CA ARG C 65 38.02 6.19 -1.40
C ARG C 65 38.84 5.64 -0.23
N PRO C 66 39.22 4.35 -0.21
CA PRO C 66 39.96 3.83 0.93
C PRO C 66 41.42 4.28 0.89
N GLU C 67 42.08 4.22 2.05
CA GLU C 67 43.52 4.48 2.05
C GLU C 67 44.27 3.40 1.26
N ARG C 68 45.39 3.79 0.65
CA ARG C 68 46.34 2.79 0.15
C ARG C 68 46.77 1.85 1.28
N ASN C 69 47.00 2.40 2.49
CA ASN C 69 47.23 1.60 3.69
C ASN C 69 46.30 0.41 3.76
N ASN C 70 45.02 0.63 3.52
CA ASN C 70 43.94 -0.33 3.81
C ASN C 70 43.11 -0.50 2.55
N PRO C 71 43.57 -1.28 1.57
CA PRO C 71 42.78 -1.45 0.34
C PRO C 71 41.39 -1.98 0.60
N ASN C 72 41.21 -2.78 1.65
CA ASN C 72 39.91 -3.21 2.18
C ASN C 72 39.63 -2.85 3.63
N PRO C 73 38.89 -1.75 3.83
CA PRO C 73 38.52 -1.30 5.17
C PRO C 73 37.30 -2.03 5.70
N GLY C 74 36.56 -2.74 4.85
CA GLY C 74 35.42 -3.49 5.34
C GLY C 74 34.18 -2.65 5.60
N TRP C 75 33.93 -1.64 4.77
CA TRP C 75 32.77 -0.78 4.93
C TRP C 75 31.51 -1.47 4.44
N SER C 76 30.45 -1.36 5.23
CA SER C 76 29.12 -1.68 4.74
C SER C 76 28.77 -0.77 3.55
N PRO C 77 27.70 -1.08 2.81
CA PRO C 77 27.28 -0.13 1.75
C PRO C 77 26.89 1.24 2.29
N GLN C 78 26.26 1.31 3.46
CA GLN C 78 25.93 2.62 4.02
C GLN C 78 27.19 3.42 4.37
N GLU C 79 28.31 2.75 4.55
CA GLU C 79 29.58 3.38 4.88
C GLU C 79 30.46 3.60 3.65
N SER C 80 29.96 3.35 2.46
CA SER C 80 30.78 3.47 1.27
C SER C 80 30.56 4.77 0.50
N TYR C 81 29.72 5.67 1.02
CA TYR C 81 29.47 6.92 0.31
C TYR C 81 29.50 8.07 1.29
N VAL C 82 29.99 9.21 0.82
CA VAL C 82 30.14 10.41 1.65
C VAL C 82 29.20 11.47 1.12
N VAL C 83 28.37 12.03 2.01
CA VAL C 83 27.51 13.16 1.70
C VAL C 83 28.08 14.39 2.39
N GLU C 84 28.32 15.45 1.60
CA GLU C 84 28.74 16.75 2.13
C GLU C 84 27.49 17.58 2.41
N VAL C 85 27.28 17.90 3.69
CA VAL C 85 26.05 18.50 4.16
C VAL C 85 26.43 19.77 4.87
N LEU C 86 25.71 20.84 4.58
CA LEU C 86 25.87 22.09 5.32
C LEU C 86 25.18 21.93 6.65
N LEU C 87 25.94 21.82 7.74
CA LEU C 87 25.34 21.69 9.06
C LEU C 87 25.65 22.90 9.95
N ARG C 88 24.85 23.07 11.00
CA ARG C 88 25.07 24.13 11.98
C ARG C 88 25.87 23.59 13.17
N LEU C 89 27.15 23.94 13.23
CA LEU C 89 28.01 23.53 14.32
C LEU C 89 28.00 24.59 15.42
N SER C 90 28.18 24.14 16.67
CA SER C 90 28.42 25.09 17.76
C SER C 90 29.63 25.97 17.44
N SER C 91 29.60 27.21 17.95
CA SER C 91 30.66 28.17 17.62
C SER C 91 32.03 27.69 18.04
N ASP C 92 32.11 26.88 19.10
CA ASP C 92 33.37 26.36 19.60
C ASP C 92 33.81 25.07 18.92
N SER C 93 33.02 24.53 17.98
CA SER C 93 33.46 23.34 17.29
C SER C 93 34.71 23.67 16.48
N GLY C 94 35.66 22.74 16.50
CA GLY C 94 36.92 22.96 15.82
C GLY C 94 36.75 22.93 14.32
N SER C 95 37.87 23.15 13.64
CA SER C 95 37.85 23.11 12.19
C SER C 95 37.40 21.73 11.71
N VAL C 96 36.76 21.71 10.55
CA VAL C 96 36.20 20.49 9.99
C VAL C 96 37.27 19.86 9.11
N ASP C 97 37.62 18.61 9.40
CA ASP C 97 38.62 17.91 8.60
C ASP C 97 37.99 17.47 7.29
N SER C 98 38.34 18.17 6.21
CA SER C 98 37.85 17.89 4.86
C SER C 98 37.87 16.40 4.48
N LYS C 99 38.90 15.66 4.92
CA LYS C 99 39.16 14.28 4.50
C LYS C 99 38.63 13.37 5.60
N LEU C 100 37.64 12.54 5.30
CA LEU C 100 37.03 11.70 6.34
C LEU C 100 37.94 10.55 6.76
N LYS C 101 37.89 10.22 8.05
CA LYS C 101 38.68 9.12 8.58
C LYS C 101 38.23 7.77 8.00
N ASP C 102 39.07 6.76 8.18
CA ASP C 102 38.77 5.39 7.73
C ASP C 102 37.77 4.71 8.66
N ASN C 103 37.65 5.20 9.89
CA ASN C 103 36.98 4.49 10.97
C ASN C 103 35.82 5.29 11.56
N GLN C 104 35.39 6.34 10.88
CA GLN C 104 34.48 7.32 11.50
C GLN C 104 33.35 7.67 10.56
N CYS C 105 32.22 8.06 11.15
CA CYS C 105 31.04 8.49 10.40
C CYS C 105 31.03 10.00 10.10
N ILE C 106 31.80 10.82 10.82
CA ILE C 106 31.76 12.27 10.71
C ILE C 106 33.05 12.78 11.36
N PRO C 107 33.63 13.91 10.95
CA PRO C 107 34.90 14.35 11.58
C PRO C 107 34.76 14.57 13.08
N ALA C 108 35.93 14.63 13.73
CA ALA C 108 36.05 14.83 15.17
C ALA C 108 36.07 16.30 15.54
N GLY C 109 35.79 16.57 16.81
CA GLY C 109 35.92 17.91 17.34
C GLY C 109 34.85 18.88 16.93
N ILE C 110 33.68 18.38 16.53
CA ILE C 110 32.53 19.22 16.21
C ILE C 110 31.29 18.62 16.88
N ALA C 111 30.25 19.44 17.00
CA ALA C 111 29.02 19.04 17.67
C ALA C 111 27.92 19.99 17.25
N PRO C 112 26.65 19.59 17.37
CA PRO C 112 25.57 20.52 17.07
C PRO C 112 25.48 21.60 18.13
N VAL C 113 24.82 22.70 17.75
CA VAL C 113 24.53 23.74 18.71
C VAL C 113 23.61 23.17 19.78
N THR C 114 24.06 23.22 21.02
CA THR C 114 23.30 22.87 22.21
C THR C 114 23.08 24.07 23.11
N GLN C 115 24.08 24.94 23.19
CA GLN C 115 23.96 26.12 24.04
C GLN C 115 22.80 26.96 23.52
N LYS C 116 21.87 27.31 24.40
CA LYS C 116 20.66 27.99 23.96
C LYS C 116 21.05 29.37 23.43
N ASN C 117 22.13 29.94 24.00
CA ASN C 117 22.80 31.14 23.54
C ASN C 117 23.29 31.05 22.10
N ASP C 118 24.08 30.03 21.78
CA ASP C 118 24.94 30.01 20.59
C ASP C 118 24.18 30.16 19.26
N PRO C 119 24.56 31.12 18.40
CA PRO C 119 23.95 31.17 17.07
C PRO C 119 24.53 30.14 16.10
N GLY C 120 25.69 29.58 16.40
CA GLY C 120 26.27 28.56 15.56
C GLY C 120 27.07 29.09 14.39
N ARG C 121 27.61 28.13 13.64
CA ARG C 121 28.44 28.39 12.48
C ARG C 121 28.12 27.32 11.44
N TRP C 122 27.75 27.73 10.23
CA TRP C 122 27.36 26.79 9.19
C TRP C 122 28.60 26.37 8.38
N GLU C 123 28.88 25.07 8.39
CA GLU C 123 30.01 24.52 7.66
C GLU C 123 29.59 23.28 6.87
N VAL C 124 30.29 23.03 5.78
CA VAL C 124 30.08 21.83 4.99
C VAL C 124 30.81 20.65 5.67
N VAL C 125 30.08 19.59 5.98
CA VAL C 125 30.61 18.48 6.78
C VAL C 125 30.43 17.18 6.00
N PRO C 126 31.49 16.38 5.82
CA PRO C 126 31.32 15.03 5.24
C PRO C 126 30.71 14.05 6.24
N CYS C 127 29.66 13.35 5.81
CA CYS C 127 28.91 12.42 6.67
C CYS C 127 28.64 11.13 5.88
N LEU C 128 28.74 9.99 6.54
CA LEU C 128 28.42 8.75 5.86
C LEU C 128 26.91 8.60 5.69
N LEU C 129 26.51 7.77 4.71
CA LEU C 129 25.08 7.49 4.55
C LEU C 129 24.50 6.84 5.80
N SER C 130 25.34 6.13 6.57
CA SER C 130 24.87 5.56 7.82
C SER C 130 24.44 6.63 8.82
N CYS C 131 24.70 7.91 8.54
CA CYS C 131 24.21 9.00 9.37
C CYS C 131 22.96 9.67 8.81
N MET C 132 22.40 9.16 7.71
CA MET C 132 21.21 9.75 7.14
C MET C 132 20.00 9.22 7.88
N HIS C 133 19.33 10.08 8.64
CA HIS C 133 18.13 9.59 9.32
C HIS C 133 16.87 10.22 8.75
N GLY C 134 17.02 11.03 7.72
CA GLY C 134 15.88 11.52 7.01
C GLY C 134 16.33 12.28 5.80
N LEU C 135 15.53 12.23 4.75
CA LEU C 135 15.73 12.96 3.53
C LEU C 135 14.45 13.69 3.25
N SER C 136 14.53 14.96 2.85
CA SER C 136 13.31 15.74 2.76
C SER C 136 12.88 15.92 1.32
N GLN C 137 11.58 16.13 1.13
CA GLN C 137 11.10 16.53 -0.17
C GLN C 137 11.46 17.98 -0.49
N ILE C 138 11.79 18.77 0.51
CA ILE C 138 12.19 20.17 0.30
C ILE C 138 13.62 20.22 -0.23
N LYS C 139 13.85 21.02 -1.30
CA LYS C 139 15.18 21.40 -1.75
C LYS C 139 15.31 22.92 -1.65
N LEU C 140 16.46 23.41 -1.17
CA LEU C 140 16.79 24.83 -1.17
C LEU C 140 17.72 25.12 -2.33
N HIS C 141 17.70 26.36 -2.80
CA HIS C 141 18.59 26.80 -3.85
C HIS C 141 19.98 26.97 -3.27
N VAL C 142 20.97 26.33 -3.86
CA VAL C 142 22.34 26.49 -3.38
C VAL C 142 23.05 27.36 -4.40
N PRO C 143 23.55 28.53 -4.02
CA PRO C 143 24.22 29.38 -5.00
C PRO C 143 25.43 28.64 -5.48
N ASP C 144 25.27 28.00 -6.63
CA ASP C 144 26.37 27.40 -7.36
C ASP C 144 26.80 28.27 -8.53
N LYS C 145 26.07 29.35 -8.81
CA LYS C 145 26.58 30.30 -9.76
C LYS C 145 27.56 31.20 -9.03
N LYS C 146 28.37 31.92 -9.80
CA LYS C 146 29.24 32.93 -9.21
C LYS C 146 28.46 34.23 -9.00
N SER C 147 27.66 34.21 -7.95
CA SER C 147 27.14 35.40 -7.30
C SER C 147 28.00 35.83 -6.13
N GLY C 148 28.80 34.91 -5.59
CA GLY C 148 29.81 35.14 -4.58
C GLY C 148 30.72 33.93 -4.48
N GLY C 149 31.20 33.64 -3.26
CA GLY C 149 32.03 32.45 -3.13
C GLY C 149 31.29 31.14 -3.08
N SER C 150 29.97 31.15 -3.27
CA SER C 150 29.17 29.92 -3.25
C SER C 150 29.45 29.28 -1.89
N MET C 151 29.58 27.95 -1.76
CA MET C 151 29.70 27.45 -0.39
C MET C 151 31.10 27.58 0.19
N ASP C 152 32.12 27.95 -0.60
CA ASP C 152 33.40 28.36 -0.03
C ASP C 152 33.30 29.64 0.76
N ASP C 153 32.35 30.48 0.44
CA ASP C 153 32.25 31.76 1.13
C ASP C 153 31.51 31.60 2.45
N PRO C 154 32.14 31.92 3.58
CA PRO C 154 31.43 31.83 4.87
C PRO C 154 30.11 32.57 4.90
N GLU C 155 30.00 33.69 4.17
CA GLU C 155 28.74 34.44 4.23
C GLU C 155 27.62 33.77 3.43
N THR C 156 27.94 33.12 2.31
CA THR C 156 26.91 32.37 1.60
C THR C 156 26.40 31.21 2.46
N ARG C 157 27.31 30.52 3.16
CA ARG C 157 26.89 29.43 4.04
C ARG C 157 25.95 29.94 5.12
N ARG C 158 26.22 31.12 5.67
CA ARG C 158 25.33 31.66 6.69
C ARG C 158 23.95 31.96 6.12
N ARG C 159 23.89 32.55 4.91
CA ARG C 159 22.61 32.94 4.34
C ARG C 159 21.75 31.71 4.04
N VAL C 160 22.34 30.69 3.43
CA VAL C 160 21.60 29.46 3.15
C VAL C 160 21.12 28.82 4.45
N GLY C 161 21.99 28.72 5.45
CA GLY C 161 21.59 28.13 6.72
C GLY C 161 20.43 28.87 7.38
N LYS C 162 20.45 30.20 7.34
CA LYS C 162 19.35 30.93 7.98
C LYS C 162 18.06 30.69 7.21
N SER C 163 18.11 30.50 5.90
CA SER C 163 16.88 30.12 5.21
C SER C 163 16.44 28.69 5.58
N LEU C 164 17.36 27.80 5.98
CA LEU C 164 16.95 26.49 6.48
C LEU C 164 16.16 26.64 7.79
N LEU C 165 16.68 27.49 8.69
CA LEU C 165 15.94 27.81 9.91
C LEU C 165 14.57 28.37 9.58
N GLU C 166 14.47 29.19 8.55
CA GLU C 166 13.16 29.74 8.21
C GLU C 166 12.23 28.65 7.67
N VAL C 167 12.75 27.72 6.86
CA VAL C 167 11.88 26.61 6.43
C VAL C 167 11.35 25.85 7.63
N GLN C 168 12.21 25.56 8.61
CA GLN C 168 11.78 24.79 9.77
C GLN C 168 10.69 25.54 10.56
N ARG C 169 10.84 26.86 10.66
CA ARG C 169 9.83 27.65 11.38
C ARG C 169 8.46 27.49 10.74
N ARG C 170 8.42 27.47 9.41
CA ARG C 170 7.17 27.36 8.65
C ARG C 170 6.62 25.93 8.58
N PHE C 171 7.39 24.93 8.94
CA PHE C 171 6.86 23.57 9.03
C PHE C 171 6.65 23.25 10.51
N GLU C 172 5.51 23.72 11.05
CA GLU C 172 5.21 23.56 12.48
C GLU C 172 5.42 22.11 12.91
N ASP C 173 4.85 21.19 12.18
CA ASP C 173 4.83 19.79 12.55
C ASP C 173 6.01 19.01 12.00
N GLY C 174 7.01 19.70 11.42
CA GLY C 174 8.22 19.02 11.00
C GLY C 174 8.53 19.07 9.53
N ILE C 175 9.83 19.07 9.23
CA ILE C 175 10.29 19.02 7.84
C ILE C 175 9.69 17.79 7.15
N PRO C 176 9.11 17.91 5.96
CA PRO C 176 8.47 16.72 5.36
C PRO C 176 9.51 15.74 4.82
N HIS C 177 9.32 14.45 5.13
CA HIS C 177 10.24 13.40 4.72
C HIS C 177 9.85 12.83 3.36
N MET C 178 10.86 12.43 2.61
CA MET C 178 10.63 11.60 1.43
C MET C 178 9.95 10.31 1.86
N ASP C 179 8.80 10.04 1.30
CA ASP C 179 8.18 8.78 1.66
C ASP C 179 8.96 7.65 0.96
N PRO C 180 9.40 6.63 1.68
CA PRO C 180 10.28 5.61 1.06
C PRO C 180 9.61 4.83 -0.03
N ILE C 181 8.29 4.75 -0.03
CA ILE C 181 7.55 4.09 -1.09
C ILE C 181 7.08 5.08 -2.14
N GLU C 182 6.41 6.15 -1.71
CA GLU C 182 5.77 7.05 -2.66
C GLU C 182 6.70 8.14 -3.19
N ASN C 183 7.81 8.42 -2.52
CA ASN C 183 8.74 9.36 -3.13
C ASN C 183 10.02 8.70 -3.63
N MET C 184 10.51 7.69 -2.91
CA MET C 184 11.75 7.01 -3.26
C MET C 184 11.54 5.71 -4.03
N HIS C 185 10.30 5.25 -4.19
CA HIS C 185 9.97 4.06 -4.98
C HIS C 185 10.81 2.84 -4.57
N ILE C 186 10.98 2.62 -3.28
CA ILE C 186 11.73 1.44 -2.86
C ILE C 186 10.88 0.20 -3.15
N ARG C 187 11.39 -0.66 -3.99
CA ARG C 187 10.61 -1.82 -4.43
C ARG C 187 10.90 -3.09 -3.63
N ASP C 188 11.95 -3.12 -2.81
CA ASP C 188 12.32 -4.31 -2.05
C ASP C 188 11.11 -4.96 -1.35
N VAL C 189 10.93 -6.27 -1.54
CA VAL C 189 9.78 -6.95 -0.96
C VAL C 189 9.91 -7.05 0.55
N GLU C 190 11.12 -7.33 1.04
CA GLU C 190 11.28 -7.45 2.47
C GLU C 190 11.04 -6.11 3.13
N PHE C 191 11.24 -5.01 2.39
CA PHE C 191 10.97 -3.70 2.96
C PHE C 191 9.47 -3.44 3.10
N LYS C 192 8.67 -3.81 2.09
CA LYS C 192 7.23 -3.65 2.26
C LYS C 192 6.73 -4.48 3.45
N LYS C 193 7.25 -5.69 3.61
CA LYS C 193 6.85 -6.52 4.74
C LYS C 193 7.20 -5.83 6.06
N LEU C 194 8.42 -5.27 6.13
CA LEU C 194 8.87 -4.56 7.33
C LEU C 194 7.88 -3.50 7.80
N LEU C 195 7.43 -2.64 6.88
CA LEU C 195 6.50 -1.59 7.25
C LEU C 195 5.19 -2.14 7.80
N ARG C 196 4.66 -3.20 7.17
CA ARG C 196 3.43 -3.78 7.67
C ARG C 196 3.65 -4.39 9.04
N LYS C 197 4.82 -5.02 9.27
CA LYS C 197 5.10 -5.61 10.57
C LYS C 197 5.16 -4.54 11.67
N ILE C 198 5.81 -3.41 11.38
CA ILE C 198 5.83 -2.31 12.34
C ILE C 198 4.42 -1.81 12.62
N GLU C 199 3.62 -1.63 11.57
CA GLU C 199 2.25 -1.14 11.76
C GLU C 199 1.43 -2.05 12.66
N VAL C 200 1.53 -3.35 12.45
CA VAL C 200 0.80 -4.29 13.30
C VAL C 200 1.28 -4.19 14.73
N LEU C 201 2.60 -4.14 14.92
CA LEU C 201 3.11 -4.10 16.29
C LEU C 201 2.65 -2.85 17.00
N GLU C 202 2.56 -1.73 16.25
CA GLU C 202 2.16 -0.49 16.87
C GLU C 202 0.73 -0.55 17.36
N SER C 203 -0.18 -1.09 16.55
CA SER C 203 -1.55 -1.29 17.00
C SER C 203 -1.61 -2.15 18.25
N ARG C 204 -0.78 -3.20 18.35
CA ARG C 204 -0.79 -4.03 19.55
C ARG C 204 -0.18 -3.25 20.71
N LEU C 205 0.84 -2.45 20.45
CA LEU C 205 1.48 -1.72 21.52
C LEU C 205 0.51 -0.75 22.18
N VAL C 206 -0.23 0.02 21.37
CA VAL C 206 -1.12 1.02 21.96
C VAL C 206 -2.34 0.34 22.60
N ALA C 207 -2.72 -0.87 22.16
CA ALA C 207 -3.82 -1.59 22.76
C ALA C 207 -3.43 -2.27 24.06
N ASN C 208 -2.15 -2.32 24.36
CA ASN C 208 -1.70 -2.90 25.60
C ASN C 208 -2.01 -1.97 26.77
N PRO C 209 -2.54 -2.50 27.88
CA PRO C 209 -2.89 -1.65 29.03
C PRO C 209 -1.69 -1.02 29.70
N LEU C 210 -0.46 -1.46 29.42
CA LEU C 210 0.69 -0.76 30.01
C LEU C 210 1.14 0.46 29.19
N HIS C 211 0.52 0.72 28.05
CA HIS C 211 0.99 1.81 27.19
C HIS C 211 0.45 3.16 27.67
N ASN C 212 1.34 4.08 28.04
CA ASN C 212 0.90 5.43 28.42
C ASN C 212 2.03 6.40 28.04
N SER C 213 1.82 7.13 26.93
CA SER C 213 2.87 7.95 26.32
C SER C 213 3.07 9.30 26.99
N GLY C 214 2.37 9.59 28.09
CA GLY C 214 2.57 10.83 28.81
C GLY C 214 3.64 10.70 29.89
N GLY C 215 4.90 10.65 29.48
CA GLY C 215 5.99 10.47 30.43
C GLY C 215 7.32 11.05 29.99
N TYR D 4 6.77 7.97 23.72
CA TYR D 4 6.85 7.08 22.56
C TYR D 4 6.45 7.79 21.25
N SER D 5 7.27 7.55 20.22
CA SER D 5 7.14 8.18 18.91
C SER D 5 7.18 7.12 17.81
N SER D 6 6.13 7.06 16.99
CA SER D 6 6.10 6.03 15.94
C SER D 6 7.19 6.28 14.91
N PRO D 7 7.94 5.25 14.51
CA PRO D 7 8.93 5.41 13.43
C PRO D 7 8.31 5.74 12.09
N LEU D 8 7.03 5.45 11.93
CA LEU D 8 6.38 5.74 10.66
C LEU D 8 5.74 7.12 10.63
N ARG D 9 6.02 7.97 11.62
CA ARG D 9 5.19 9.19 11.79
C ARG D 9 5.37 10.17 10.64
N PHE D 10 6.54 10.19 9.98
CA PHE D 10 6.73 11.18 8.93
C PHE D 10 6.42 10.63 7.56
N PHE D 11 6.04 9.35 7.49
CA PHE D 11 5.65 8.77 6.22
C PHE D 11 4.20 9.12 5.92
N ARG D 12 3.86 8.90 4.66
CA ARG D 12 2.63 9.45 4.18
C ARG D 12 1.40 8.69 4.63
N ASN D 13 1.55 7.39 4.94
CA ASN D 13 0.44 6.64 5.49
C ASN D 13 0.09 7.10 6.90
N PHE D 14 0.93 7.92 7.55
CA PHE D 14 0.59 8.40 8.90
C PHE D 14 -0.67 9.26 8.89
N ARG D 15 -1.06 9.81 7.72
CA ARG D 15 -2.33 10.52 7.54
C ARG D 15 -3.53 9.67 7.94
N PHE D 16 -3.41 8.35 7.85
CA PHE D 16 -4.50 7.44 8.20
C PHE D 16 -4.37 6.89 9.62
N HIS D 17 -3.34 7.28 10.36
CA HIS D 17 -3.21 6.87 11.74
C HIS D 17 -4.42 7.34 12.55
N PRO D 18 -4.91 6.54 13.50
CA PRO D 18 -6.07 6.98 14.28
C PRO D 18 -5.81 8.24 15.10
N GLU D 19 -4.56 8.53 15.42
CA GLU D 19 -4.19 9.69 16.23
C GLU D 19 -3.80 10.91 15.38
N PHE D 20 -3.90 10.81 14.06
CA PHE D 20 -3.37 11.85 13.16
C PHE D 20 -3.95 13.22 13.47
N THR D 21 -5.28 13.33 13.51
CA THR D 21 -5.93 14.62 13.66
C THR D 21 -5.64 15.25 15.04
N ARG D 22 -5.42 14.41 16.05
CA ARG D 22 -5.17 14.96 17.38
C ARG D 22 -3.71 15.42 17.48
N LEU D 23 -2.81 14.78 16.72
CA LEU D 23 -1.39 15.06 16.84
C LEU D 23 -0.84 16.04 15.82
N VAL D 24 -1.49 16.21 14.66
CA VAL D 24 -0.97 17.05 13.57
C VAL D 24 -1.93 18.21 13.30
N ALA D 25 -1.45 19.43 13.47
CA ALA D 25 -2.31 20.61 13.31
C ALA D 25 -2.85 20.69 11.88
N GLY D 26 -4.17 20.93 11.75
CA GLY D 26 -4.78 21.13 10.44
C GLY D 26 -5.20 19.87 9.70
N GLY D 27 -4.90 18.69 10.23
CA GLY D 27 -5.31 17.48 9.54
C GLY D 27 -4.74 17.42 8.13
N TRP D 28 -5.64 17.28 7.16
CA TRP D 28 -5.26 17.24 5.76
C TRP D 28 -4.61 18.53 5.27
N ARG D 29 -4.77 19.65 6.01
CA ARG D 29 -4.14 20.90 5.61
C ARG D 29 -2.65 20.98 5.96
N SER D 30 -2.12 19.99 6.69
CA SER D 30 -0.76 20.10 7.21
C SER D 30 0.27 20.16 6.09
N LEU D 31 1.25 21.06 6.22
CA LEU D 31 2.30 21.12 5.20
C LEU D 31 3.23 19.93 5.31
N THR D 32 3.45 19.41 6.52
CA THR D 32 4.29 18.23 6.71
C THR D 32 3.76 17.06 5.92
N TYR D 33 2.45 17.03 5.68
CA TYR D 33 1.82 15.91 5.00
C TYR D 33 1.22 16.30 3.66
N SER D 34 1.65 17.41 3.05
CA SER D 34 1.13 17.79 1.75
C SER D 34 1.48 16.81 0.63
N SER D 35 0.54 16.61 -0.26
CA SER D 35 0.79 15.87 -1.47
C SER D 35 1.19 16.76 -2.65
N ARG D 36 1.44 18.05 -2.42
CA ARG D 36 1.70 18.95 -3.54
C ARG D 36 3.14 19.43 -3.61
N ILE D 37 4.07 18.82 -2.90
CA ILE D 37 5.47 19.26 -2.95
C ILE D 37 6.13 18.55 -4.11
N ASP D 38 6.63 19.33 -5.06
CA ASP D 38 7.48 18.85 -6.14
C ASP D 38 8.87 18.68 -5.53
N PRO D 39 9.33 17.42 -5.36
CA PRO D 39 10.62 17.18 -4.70
C PRO D 39 11.81 17.60 -5.53
N ASP D 40 11.64 17.88 -6.81
CA ASP D 40 12.75 18.31 -7.64
C ASP D 40 12.75 19.82 -7.87
N LYS D 41 11.85 20.57 -7.22
CA LYS D 41 11.78 22.05 -7.37
C LYS D 41 12.37 22.72 -6.14
N GLU D 42 13.13 23.78 -6.32
CA GLU D 42 13.68 24.47 -5.17
C GLU D 42 12.67 25.43 -4.54
N MET D 43 12.65 25.50 -3.20
CA MET D 43 11.79 26.49 -2.53
C MET D 43 12.33 27.89 -2.80
N CYS D 44 11.45 28.86 -2.94
CA CYS D 44 11.88 30.18 -3.39
C CYS D 44 12.82 30.82 -2.38
N PRO D 45 14.03 31.20 -2.76
CA PRO D 45 14.90 31.85 -1.78
C PRO D 45 14.46 33.26 -1.46
N TYR D 46 13.75 33.95 -2.36
CA TYR D 46 13.26 35.28 -2.01
C TYR D 46 12.23 35.21 -0.87
N GLU D 47 11.26 34.30 -0.99
CA GLU D 47 10.27 34.13 0.06
C GLU D 47 10.93 33.79 1.39
N LEU D 48 11.93 32.90 1.37
CA LEU D 48 12.56 32.48 2.60
C LEU D 48 13.40 33.57 3.27
N GLU D 49 13.74 34.67 2.58
CA GLU D 49 14.47 35.76 3.21
C GLU D 49 13.60 37.01 3.46
N GLY D 50 12.33 37.01 3.05
CA GLY D 50 11.53 38.22 3.18
C GLY D 50 11.64 39.19 2.02
N THR D 51 12.21 38.75 0.90
CA THR D 51 12.28 39.58 -0.29
C THR D 51 11.06 39.32 -1.16
N GLN D 52 10.52 40.38 -1.78
CA GLN D 52 9.36 40.21 -2.64
C GLN D 52 9.79 39.47 -3.90
N CYS D 53 9.00 38.49 -4.34
CA CYS D 53 9.38 37.78 -5.55
C CYS D 53 9.18 38.66 -6.76
N PRO D 54 9.97 38.46 -7.81
CA PRO D 54 9.63 39.06 -9.08
C PRO D 54 8.32 38.45 -9.55
N SER D 55 7.54 39.25 -10.26
CA SER D 55 6.33 38.78 -10.90
C SER D 55 6.61 37.53 -11.73
N GLY D 56 5.77 36.51 -11.58
CA GLY D 56 5.94 35.29 -12.37
C GLY D 56 7.03 34.38 -11.90
N CYS D 57 7.48 34.56 -10.65
CA CYS D 57 8.54 33.76 -10.07
C CYS D 57 8.15 32.29 -10.12
N SER D 58 9.03 31.45 -10.72
CA SER D 58 8.74 30.04 -10.96
C SER D 58 9.38 29.11 -9.94
N PHE D 59 9.96 29.64 -8.87
CA PHE D 59 10.36 28.75 -7.78
C PHE D 59 9.10 28.18 -7.14
N GLN D 60 9.29 27.19 -6.28
CA GLN D 60 8.20 26.63 -5.49
C GLN D 60 7.94 27.49 -4.26
N HIS D 61 6.69 27.90 -4.08
CA HIS D 61 6.35 28.76 -2.95
C HIS D 61 5.49 28.01 -1.96
N PHE D 62 5.43 28.53 -0.73
CA PHE D 62 4.61 27.88 0.28
C PHE D 62 3.14 27.85 -0.14
N VAL D 63 2.64 28.87 -0.85
CA VAL D 63 1.27 28.78 -1.35
C VAL D 63 1.11 27.63 -2.36
N ASP D 64 2.19 27.27 -3.09
CA ASP D 64 2.09 26.19 -4.08
C ASP D 64 1.94 24.81 -3.42
N ILE D 65 2.42 24.65 -2.19
CA ILE D 65 2.44 23.33 -1.57
C ILE D 65 1.39 23.19 -0.48
N THR D 66 0.68 24.25 -0.18
CA THR D 66 -0.36 24.22 0.84
C THR D 66 -1.56 23.44 0.32
N PRO D 67 -2.01 22.39 1.01
CA PRO D 67 -3.09 21.57 0.43
C PRO D 67 -4.35 22.40 0.26
N ALA D 68 -5.08 22.13 -0.83
CA ALA D 68 -6.30 22.89 -1.13
C ALA D 68 -7.52 22.02 -0.81
#